data_7FPA
#
_entry.id   7FPA
#
_cell.length_a   89.1
_cell.length_b   81.639
_cell.length_c   93.415
_cell.angle_alpha   90
_cell.angle_beta   108.1
_cell.angle_gamma   90
#
_symmetry.space_group_name_H-M   'C 1 2 1'
#
loop_
_entity.id
_entity.type
_entity.pdbx_description
1 polymer 'Pre-mRNA-splicing factor 8'
2 polymer 'A1 cistron-splicing factor AAR2'
3 non-polymer 2,4-dichloro-N-ethyl-N-(2-hydroxyethyl)benzamide
4 water water
#
loop_
_entity_poly.entity_id
_entity_poly.type
_entity_poly.pdbx_seq_one_letter_code
_entity_poly.pdbx_strand_id
1 'polypeptide(L)'
;GAMNSSNYAELFNNDIKLFVDDTNVYRVTVHKTFEGNVATKAINGCIFTLNPKTGHLFLKIIHTSVWAGQKRLSQLAKWK
TAEEVSALVRSLPKEEQPKQIIVTRKAMLDPLEVHMLDFPNIAIRPTELRLPFSAAMSIDKLSDVVMKATEPQMVLFNIY
DDWLDRISSYTAFSRLTLLLRALKTNEESAKMILLSDPTITIKSYHLWPSFTDEQWITIESQMRDLILTEYGRKYNVNIS
ALTQTEIKDIILGQNIKA
;
A
2 'polypeptide(L)'
;GAMAMNTVPFTSAPIEVTIGIDQYSFNVKENQPFHGIKDIPIGHVHVIHFQHADNSSMRYGYWFDCRMGNFYIQYDPKDG
LYKMMEERDGAKFENIVHNFKERQMMVSYPKIDEDDTWYNLTEFVQMDKIRKIVRKDENQFSYVDSSMTTVQENELSSSS
SDPAHSLNYTVINFKSREAIRPGHEMEDFLDKSYYLNTVMLQGIFKNSSNYFGELQFAFLNAMFFGNYGSSLQWHAMIEL
ICSSATVPKHMLDKLDEILYYQIKTLPEQYSDILLNERVWNICLYSSFQKNSLHNTEKIMENKYPELL
;
B
#
loop_
_chem_comp.id
_chem_comp.type
_chem_comp.name
_chem_comp.formula
W4C non-polymer 2,4-dichloro-N-ethyl-N-(2-hydroxyethyl)benzamide 'C11 H13 Cl2 N O2'
#
# COMPACT_ATOMS: atom_id res chain seq x y z
N GLY A 1 12.91 -9.63 -1.24
CA GLY A 1 11.92 -10.63 -0.89
C GLY A 1 12.10 -11.24 0.48
N ALA A 2 11.25 -12.20 0.81
CA ALA A 2 11.29 -12.80 2.13
C ALA A 2 12.54 -13.66 2.26
N MET A 3 12.97 -13.88 3.48
CA MET A 3 14.18 -14.64 3.77
C MET A 3 13.74 -15.98 4.31
N ASN A 4 14.20 -17.07 3.71
CA ASN A 4 13.74 -18.40 4.09
C ASN A 4 14.90 -19.40 4.03
N SER A 5 14.57 -20.67 4.30
CA SER A 5 15.48 -21.80 4.17
C SER A 5 16.35 -21.70 2.94
N SER A 6 15.75 -21.23 1.83
CA SER A 6 16.34 -21.35 0.51
C SER A 6 17.47 -20.35 0.29
N ASN A 7 17.35 -19.13 0.79
CA ASN A 7 18.37 -18.11 0.64
C ASN A 7 19.07 -17.83 1.98
N TYR A 8 19.16 -18.86 2.82
CA TYR A 8 19.71 -18.75 4.17
C TYR A 8 21.13 -18.22 4.19
N ALA A 9 21.96 -18.53 3.20
CA ALA A 9 23.38 -18.23 3.26
C ALA A 9 23.70 -16.80 2.90
N GLU A 10 22.75 -16.06 2.32
CA GLU A 10 22.93 -14.62 2.09
C GLU A 10 23.32 -13.88 3.36
N LEU A 11 22.85 -14.36 4.52
CA LEU A 11 23.12 -13.68 5.76
C LEU A 11 24.61 -13.52 6.01
N PHE A 12 25.40 -14.45 5.54
CA PHE A 12 26.83 -14.47 5.82
C PHE A 12 27.69 -13.93 4.70
N ASN A 13 27.13 -13.46 3.60
CA ASN A 13 27.97 -12.77 2.64
C ASN A 13 28.45 -11.44 3.22
N ASN A 14 29.11 -10.64 2.39
CA ASN A 14 29.75 -9.42 2.83
C ASN A 14 28.88 -8.17 2.75
N ASP A 15 27.60 -8.30 2.41
CA ASP A 15 26.67 -7.18 2.46
C ASP A 15 26.27 -6.95 3.92
N ILE A 16 26.44 -5.75 4.44
CA ILE A 16 26.07 -5.52 5.82
C ILE A 16 24.56 -5.65 5.95
N LYS A 17 24.11 -6.42 6.93
CA LYS A 17 22.68 -6.52 7.20
C LYS A 17 22.42 -6.73 8.68
N LEU A 18 21.21 -6.36 9.09
CA LEU A 18 20.79 -6.46 10.46
C LEU A 18 19.43 -7.12 10.54
N PHE A 19 19.33 -7.98 11.53
CA PHE A 19 18.09 -8.51 12.05
C PHE A 19 17.53 -7.58 13.10
N VAL A 20 16.24 -7.31 13.03
CA VAL A 20 15.57 -6.62 14.11
C VAL A 20 14.50 -7.52 14.66
N ASP A 21 14.55 -7.79 15.96
CA ASP A 21 13.43 -8.42 16.66
C ASP A 21 12.79 -7.47 17.65
N ASP A 22 11.47 -7.39 17.66
CA ASP A 22 10.74 -6.47 18.53
C ASP A 22 9.92 -7.16 19.62
N THR A 23 10.12 -8.46 19.85
N THR A 23 10.13 -8.46 19.86
CA THR A 23 9.21 -9.19 20.75
CA THR A 23 9.22 -9.19 20.75
C THR A 23 9.35 -8.77 22.21
C THR A 23 9.35 -8.77 22.21
N ASN A 24 10.50 -8.23 22.63
CA ASN A 24 10.70 -7.85 24.01
C ASN A 24 10.75 -6.33 24.19
N VAL A 25 10.14 -5.59 23.27
CA VAL A 25 10.14 -4.13 23.29
C VAL A 25 9.17 -3.67 24.33
N TYR A 26 7.99 -4.27 24.36
CA TYR A 26 6.88 -3.84 25.24
C TYR A 26 6.48 -5.05 26.09
N ARG A 27 6.87 -5.04 27.37
CA ARG A 27 6.66 -6.17 28.26
C ARG A 27 5.83 -5.77 29.47
N VAL A 28 4.90 -6.66 29.85
CA VAL A 28 3.94 -6.36 30.91
C VAL A 28 3.92 -7.51 31.90
N THR A 29 3.47 -7.21 33.11
CA THR A 29 3.06 -8.20 34.11
C THR A 29 1.60 -7.93 34.42
N VAL A 30 0.72 -8.82 33.99
CA VAL A 30 -0.71 -8.66 34.23
C VAL A 30 -1.03 -9.02 35.67
N HIS A 31 -1.92 -8.24 36.29
CA HIS A 31 -2.26 -8.41 37.71
C HIS A 31 -3.70 -7.98 37.97
N LYS A 32 -4.14 -8.10 39.22
CA LYS A 32 -5.53 -7.81 39.59
C LYS A 32 -5.62 -6.54 40.43
N THR A 33 -6.54 -5.65 40.07
CA THR A 33 -6.79 -4.47 40.90
C THR A 33 -7.61 -4.86 42.12
N PHE A 34 -7.59 -3.98 43.13
CA PHE A 34 -8.32 -4.27 44.36
C PHE A 34 -9.78 -4.58 44.06
N GLU A 35 -10.35 -3.94 43.04
CA GLU A 35 -11.72 -4.17 42.60
C GLU A 35 -11.90 -5.46 41.83
N GLY A 36 -10.86 -6.31 41.76
CA GLY A 36 -10.96 -7.58 41.06
C GLY A 36 -10.81 -7.49 39.57
N ASN A 37 -10.51 -6.31 39.02
CA ASN A 37 -10.25 -6.16 37.61
C ASN A 37 -8.76 -6.37 37.32
N VAL A 38 -8.40 -6.39 36.05
CA VAL A 38 -7.05 -6.68 35.61
C VAL A 38 -6.43 -5.41 35.04
N ALA A 39 -5.20 -5.11 35.45
CA ALA A 39 -4.40 -4.08 34.84
C ALA A 39 -3.05 -4.68 34.45
N THR A 40 -2.35 -4.01 33.55
CA THR A 40 -0.97 -4.34 33.23
C THR A 40 -0.05 -3.40 33.99
N LYS A 41 1.17 -3.85 34.24
CA LYS A 41 2.27 -2.98 34.65
C LYS A 41 3.47 -3.28 33.75
N ALA A 42 3.94 -2.26 33.02
CA ALA A 42 5.06 -2.45 32.11
C ALA A 42 6.36 -2.56 32.88
N ILE A 43 7.30 -3.31 32.30
CA ILE A 43 8.69 -3.37 32.77
C ILE A 43 9.60 -3.05 31.60
N ASN A 44 10.86 -2.81 31.92
CA ASN A 44 11.78 -2.34 30.88
C ASN A 44 11.79 -3.38 29.79
N GLY A 45 11.95 -2.90 28.55
CA GLY A 45 12.21 -3.77 27.45
C GLY A 45 13.49 -3.48 26.67
N CYS A 46 13.68 -4.29 25.52
CA CYS A 46 14.78 -4.22 24.60
C CYS A 46 14.26 -4.34 23.16
N ILE A 47 14.88 -3.56 22.26
CA ILE A 47 14.97 -3.93 20.82
C ILE A 47 16.21 -4.80 20.62
N PHE A 48 16.07 -5.90 19.89
CA PHE A 48 17.19 -6.87 19.70
C PHE A 48 17.62 -6.63 18.28
N THR A 49 18.69 -5.91 18.02
CA THR A 49 19.15 -5.65 16.66
C THR A 49 20.51 -6.34 16.45
N LEU A 50 20.61 -7.28 15.51
CA LEU A 50 21.80 -8.15 15.48
C LEU A 50 22.45 -8.25 14.10
N ASN A 51 23.78 -8.07 14.01
CA ASN A 51 24.48 -8.28 12.77
C ASN A 51 24.81 -9.77 12.76
N PRO A 52 24.20 -10.58 11.89
CA PRO A 52 24.41 -12.02 12.00
C PRO A 52 25.81 -12.49 11.59
N LYS A 53 26.59 -11.65 10.90
CA LYS A 53 27.91 -11.98 10.34
C LYS A 53 28.97 -11.67 11.37
N THR A 54 28.85 -10.56 12.06
CA THR A 54 29.83 -10.12 13.04
C THR A 54 29.45 -10.46 14.46
N GLY A 55 28.20 -10.75 14.73
CA GLY A 55 27.70 -10.96 16.08
C GLY A 55 27.46 -9.69 16.85
N HIS A 56 27.71 -8.53 16.24
CA HIS A 56 27.47 -7.28 17.02
C HIS A 56 25.99 -7.16 17.32
N LEU A 57 25.65 -6.93 18.59
CA LEU A 57 24.28 -6.69 19.04
C LEU A 57 24.19 -5.24 19.46
N PHE A 58 23.20 -4.53 18.91
CA PHE A 58 22.85 -3.20 19.40
C PHE A 58 21.60 -3.41 20.26
N LEU A 59 21.81 -3.56 21.58
CA LEU A 59 20.68 -3.69 22.50
C LEU A 59 20.18 -2.32 22.90
N LYS A 60 19.07 -1.93 22.27
CA LYS A 60 18.39 -0.69 22.68
C LYS A 60 17.34 -1.01 23.75
N ILE A 61 17.63 -0.39 24.96
CA ILE A 61 16.78 -0.56 26.13
C ILE A 61 15.64 0.43 26.06
N ILE A 62 14.47 -0.10 26.25
CA ILE A 62 13.21 0.67 26.19
C ILE A 62 12.73 0.82 27.63
N HIS A 63 12.85 2.03 28.16
CA HIS A 63 12.45 2.30 29.53
C HIS A 63 10.93 2.47 29.62
N THR A 64 10.36 2.03 30.74
CA THR A 64 8.91 2.01 30.86
C THR A 64 8.33 3.42 30.71
N SER A 65 9.14 4.46 31.01
CA SER A 65 8.70 5.84 30.86
C SER A 65 8.23 6.15 29.45
N VAL A 66 8.75 5.44 28.44
N VAL A 66 8.75 5.41 28.44
CA VAL A 66 8.39 5.75 27.05
CA VAL A 66 8.41 5.64 27.04
C VAL A 66 6.90 5.53 26.78
C VAL A 66 6.91 5.54 26.82
N TRP A 67 6.24 4.69 27.59
CA TRP A 67 4.84 4.40 27.42
C TRP A 67 3.93 5.34 28.19
N ALA A 68 4.45 6.15 29.13
CA ALA A 68 3.55 6.89 30.03
C ALA A 68 2.58 7.73 29.22
N GLY A 69 1.29 7.60 29.54
CA GLY A 69 0.25 8.38 28.91
C GLY A 69 -0.10 8.01 27.49
N GLN A 70 0.47 6.93 26.97
CA GLN A 70 0.20 6.51 25.60
C GLN A 70 -0.85 5.41 25.51
N LYS A 71 -1.65 5.48 24.45
CA LYS A 71 -2.68 4.52 24.13
C LYS A 71 -2.18 3.53 23.10
N ARG A 72 -2.84 2.37 23.05
CA ARG A 72 -2.56 1.28 22.09
C ARG A 72 -1.05 0.97 22.05
N LEU A 73 -0.59 0.46 23.21
CA LEU A 73 0.84 0.31 23.41
C LEU A 73 1.46 -0.78 22.52
N SER A 74 0.73 -1.85 22.28
CA SER A 74 1.26 -2.89 21.38
C SER A 74 1.45 -2.37 19.96
N GLN A 75 0.61 -1.44 19.50
CA GLN A 75 0.85 -0.81 18.21
C GLN A 75 1.96 0.24 18.30
N LEU A 76 1.97 0.99 19.40
CA LEU A 76 3.04 1.95 19.59
C LEU A 76 4.41 1.26 19.63
N ALA A 77 4.53 0.10 20.28
CA ALA A 77 5.83 -0.58 20.34
C ALA A 77 6.49 -0.73 18.94
N LYS A 78 5.68 -1.06 17.92
CA LYS A 78 6.27 -1.30 16.60
C LYS A 78 6.79 0.00 16.00
N TRP A 79 6.09 1.16 16.23
CA TRP A 79 6.59 2.44 15.69
C TRP A 79 7.82 2.94 16.44
N LYS A 80 7.83 2.77 17.76
CA LYS A 80 9.04 3.06 18.55
C LYS A 80 10.23 2.20 18.13
N THR A 81 10.01 0.89 17.87
CA THR A 81 11.09 0.02 17.39
C THR A 81 11.66 0.62 16.12
N ALA A 82 10.76 0.94 15.15
CA ALA A 82 11.23 1.49 13.89
C ALA A 82 11.93 2.81 14.09
N GLU A 83 11.37 3.69 14.96
CA GLU A 83 12.02 4.99 15.13
C GLU A 83 13.43 4.76 15.66
N GLU A 84 13.59 3.83 16.58
CA GLU A 84 14.90 3.66 17.18
C GLU A 84 15.86 3.00 16.18
N VAL A 85 15.38 2.08 15.36
CA VAL A 85 16.26 1.44 14.36
C VAL A 85 16.75 2.49 13.36
N SER A 86 15.85 3.29 12.82
N SER A 86 15.84 3.27 12.82
CA SER A 86 16.28 4.34 11.89
CA SER A 86 16.20 4.40 11.93
C SER A 86 17.31 5.29 12.56
C SER A 86 17.28 5.28 12.56
N ALA A 87 17.08 5.66 13.82
CA ALA A 87 18.09 6.48 14.52
C ALA A 87 19.47 5.77 14.60
N LEU A 88 19.48 4.45 14.82
CA LEU A 88 20.76 3.75 14.81
C LEU A 88 21.42 3.82 13.42
N VAL A 89 20.68 3.50 12.37
CA VAL A 89 21.25 3.62 11.03
C VAL A 89 21.77 5.02 10.83
N ARG A 90 20.93 6.03 11.18
CA ARG A 90 21.30 7.45 10.95
C ARG A 90 22.62 7.78 11.62
N SER A 91 22.84 7.20 12.81
CA SER A 91 24.04 7.50 13.58
C SER A 91 25.27 6.77 13.06
N LEU A 92 25.14 5.88 12.17
CA LEU A 92 26.32 5.14 11.75
C LEU A 92 26.94 5.81 10.52
N PRO A 93 28.27 5.70 10.36
CA PRO A 93 28.89 6.16 9.12
C PRO A 93 28.28 5.42 7.95
N LYS A 94 28.20 6.13 6.83
CA LYS A 94 27.54 5.59 5.65
C LYS A 94 28.04 4.17 5.31
N GLU A 95 29.35 3.97 5.25
CA GLU A 95 29.90 2.64 4.92
C GLU A 95 29.59 1.58 5.96
N GLU A 96 29.11 1.96 7.14
CA GLU A 96 28.64 1.00 8.14
C GLU A 96 27.13 0.78 8.11
N GLN A 97 26.40 1.53 7.32
CA GLN A 97 24.98 1.32 7.32
C GLN A 97 24.61 0.01 6.62
N PRO A 98 23.61 -0.69 7.10
CA PRO A 98 23.23 -1.94 6.47
C PRO A 98 22.63 -1.70 5.10
N LYS A 99 22.81 -2.71 4.24
N LYS A 99 22.80 -2.71 4.24
CA LYS A 99 22.16 -2.74 2.95
CA LYS A 99 22.11 -2.70 2.95
C LYS A 99 20.81 -3.45 3.01
C LYS A 99 20.76 -3.40 3.04
N GLN A 100 20.55 -4.20 4.08
CA GLN A 100 19.25 -4.83 4.31
C GLN A 100 18.98 -4.81 5.82
N ILE A 101 17.70 -4.77 6.15
CA ILE A 101 17.25 -5.03 7.50
C ILE A 101 16.16 -6.06 7.41
N ILE A 102 16.27 -7.11 8.22
CA ILE A 102 15.33 -8.23 8.19
C ILE A 102 14.54 -8.22 9.51
N VAL A 103 13.20 -8.04 9.40
CA VAL A 103 12.39 -7.94 10.62
C VAL A 103 11.87 -9.32 10.91
N THR A 104 11.85 -9.71 12.17
CA THR A 104 11.49 -11.11 12.43
C THR A 104 9.99 -11.29 12.48
N ARG A 105 9.25 -10.19 12.51
CA ARG A 105 7.78 -10.25 12.45
C ARG A 105 7.26 -9.29 11.39
N LYS A 106 6.25 -9.74 10.64
CA LYS A 106 5.78 -8.99 9.48
C LYS A 106 5.13 -7.66 9.89
N ALA A 107 4.57 -7.59 11.09
CA ALA A 107 3.96 -6.33 11.49
C ALA A 107 4.97 -5.18 11.57
N MET A 108 6.26 -5.46 11.49
CA MET A 108 7.24 -4.39 11.54
C MET A 108 7.56 -3.80 10.17
N LEU A 109 7.10 -4.40 9.09
CA LEU A 109 7.53 -3.97 7.77
C LEU A 109 7.11 -2.52 7.48
N ASP A 110 5.82 -2.21 7.69
CA ASP A 110 5.36 -0.86 7.36
C ASP A 110 5.93 0.20 8.29
N PRO A 111 5.95 -0.02 9.59
CA PRO A 111 6.57 0.99 10.48
C PRO A 111 7.98 1.34 10.09
N LEU A 112 8.80 0.32 9.82
CA LEU A 112 10.19 0.56 9.49
C LEU A 112 10.33 1.22 8.12
N GLU A 113 9.62 0.69 7.12
CA GLU A 113 9.68 1.30 5.80
C GLU A 113 9.37 2.79 5.92
N VAL A 114 8.37 3.12 6.70
CA VAL A 114 8.00 4.52 6.81
C VAL A 114 9.12 5.30 7.49
N HIS A 115 9.71 4.76 8.54
CA HIS A 115 10.79 5.50 9.18
C HIS A 115 12.08 5.52 8.36
N MET A 116 12.20 4.63 7.39
CA MET A 116 13.44 4.58 6.63
C MET A 116 13.29 5.19 5.26
N LEU A 117 12.22 5.96 5.04
CA LEU A 117 12.07 6.60 3.74
C LEU A 117 13.30 7.37 3.31
N ASP A 118 14.09 7.88 4.25
CA ASP A 118 15.31 8.60 3.90
C ASP A 118 16.39 7.68 3.34
N PHE A 119 16.19 6.37 3.36
CA PHE A 119 17.18 5.40 2.92
C PHE A 119 16.57 4.43 1.93
N PRO A 120 16.32 4.88 0.69
CA PRO A 120 15.64 4.00 -0.29
C PRO A 120 16.48 2.83 -0.77
N ASN A 121 17.80 2.91 -0.66
CA ASN A 121 18.69 1.82 -1.00
C ASN A 121 18.90 0.84 0.15
N ILE A 122 18.09 0.92 1.21
CA ILE A 122 18.12 -0.07 2.28
C ILE A 122 16.87 -0.92 2.21
N ALA A 123 17.07 -2.19 1.88
CA ALA A 123 15.95 -3.09 1.67
C ALA A 123 15.46 -3.60 3.02
N ILE A 124 14.16 -3.48 3.24
CA ILE A 124 13.47 -3.95 4.44
C ILE A 124 12.79 -5.27 4.09
N ARG A 125 13.08 -6.36 4.81
CA ARG A 125 12.60 -7.68 4.42
C ARG A 125 12.00 -8.50 5.55
N PRO A 126 10.94 -9.25 5.28
CA PRO A 126 10.47 -10.25 6.23
C PRO A 126 11.26 -11.55 6.11
N THR A 127 10.91 -12.49 6.98
CA THR A 127 11.47 -13.83 6.93
C THR A 127 10.37 -14.83 7.22
N GLU A 128 10.55 -16.03 6.64
N GLU A 128 10.52 -16.03 6.69
CA GLU A 128 9.71 -17.20 6.84
CA GLU A 128 9.61 -17.12 6.98
C GLU A 128 10.25 -18.13 7.91
C GLU A 128 10.17 -18.06 8.04
N LEU A 129 11.34 -17.76 8.58
CA LEU A 129 11.92 -18.56 9.64
C LEU A 129 11.33 -18.19 11.00
N ARG A 130 11.28 -19.18 11.89
CA ARG A 130 10.70 -19.03 13.23
C ARG A 130 11.78 -18.76 14.28
N LEU A 131 12.55 -17.68 14.06
CA LEU A 131 13.78 -17.47 14.82
C LEU A 131 13.53 -17.25 16.32
N PRO A 132 14.44 -17.74 17.19
CA PRO A 132 14.18 -17.70 18.64
C PRO A 132 14.68 -16.47 19.40
N PHE A 133 14.64 -15.29 18.79
CA PHE A 133 15.29 -14.14 19.43
C PHE A 133 14.49 -13.60 20.62
N SER A 134 13.24 -13.97 20.74
CA SER A 134 12.47 -13.64 21.93
C SER A 134 13.10 -14.18 23.20
N ALA A 135 13.90 -15.23 23.05
CA ALA A 135 14.59 -15.85 24.18
C ALA A 135 15.83 -15.06 24.64
N ALA A 136 16.17 -13.96 23.99
CA ALA A 136 17.34 -13.18 24.38
C ALA A 136 17.31 -12.69 25.83
N MET A 137 16.13 -12.53 26.41
CA MET A 137 16.00 -12.14 27.79
C MET A 137 16.16 -13.31 28.75
N SER A 138 16.33 -14.50 28.26
CA SER A 138 16.79 -15.61 29.07
C SER A 138 18.30 -15.63 29.22
N ILE A 139 19.03 -14.73 28.56
CA ILE A 139 20.47 -14.58 28.77
C ILE A 139 20.69 -13.62 29.91
N ASP A 140 21.18 -14.13 31.04
CA ASP A 140 21.29 -13.36 32.28
C ASP A 140 21.82 -11.95 32.13
N LYS A 141 23.01 -11.81 31.53
CA LYS A 141 23.60 -10.48 31.43
C LYS A 141 22.72 -9.51 30.63
N LEU A 142 22.05 -9.97 29.58
CA LEU A 142 21.15 -9.08 28.84
C LEU A 142 19.93 -8.73 29.68
N SER A 143 19.32 -9.71 30.33
CA SER A 143 18.16 -9.43 31.15
C SER A 143 18.53 -8.43 32.26
N ASP A 144 19.68 -8.61 32.88
CA ASP A 144 20.11 -7.75 34.00
C ASP A 144 20.24 -6.29 33.58
N VAL A 145 20.89 -6.02 32.45
CA VAL A 145 21.12 -4.61 32.09
C VAL A 145 19.79 -3.98 31.66
N VAL A 146 18.89 -4.76 31.09
CA VAL A 146 17.54 -4.23 30.78
C VAL A 146 16.79 -3.90 32.07
N MET A 147 16.84 -4.83 33.04
N MET A 147 16.79 -4.82 33.04
N MET A 147 16.77 -4.83 33.04
CA MET A 147 16.02 -4.75 34.25
CA MET A 147 15.96 -4.65 34.23
CA MET A 147 15.95 -4.61 34.23
C MET A 147 16.51 -3.67 35.21
C MET A 147 16.49 -3.55 35.16
C MET A 147 16.49 -3.46 35.07
N LYS A 148 17.81 -3.33 35.16
CA LYS A 148 18.38 -2.29 36.03
C LYS A 148 18.30 -0.88 35.43
N ALA A 149 18.10 -0.72 34.12
CA ALA A 149 18.32 0.55 33.46
C ALA A 149 17.37 1.57 34.01
N THR A 150 17.82 2.82 34.10
CA THR A 150 17.00 3.89 34.68
C THR A 150 16.49 4.90 33.67
N GLU A 151 17.06 4.92 32.52
CA GLU A 151 16.81 5.81 31.43
C GLU A 151 16.88 4.97 30.15
N PRO A 152 16.45 5.54 29.03
CA PRO A 152 16.88 5.01 27.73
C PRO A 152 18.38 4.88 27.62
N GLN A 153 18.82 3.77 27.04
CA GLN A 153 20.22 3.36 27.09
C GLN A 153 20.40 2.41 25.90
N MET A 154 21.46 2.61 25.11
CA MET A 154 21.93 1.65 24.10
C MET A 154 23.15 0.93 24.66
N VAL A 155 23.13 -0.40 24.66
CA VAL A 155 24.25 -1.20 25.11
C VAL A 155 24.70 -2.12 24.00
N LEU A 156 26.01 -2.20 23.79
CA LEU A 156 26.59 -2.97 22.70
C LEU A 156 27.26 -4.24 23.23
N PHE A 157 27.00 -5.35 22.54
CA PHE A 157 27.49 -6.64 22.94
C PHE A 157 28.00 -7.35 21.68
N ASN A 158 28.81 -8.35 21.90
CA ASN A 158 29.01 -9.35 20.84
C ASN A 158 28.38 -10.65 21.27
N ILE A 159 27.28 -11.04 20.62
CA ILE A 159 26.52 -12.19 21.11
C ILE A 159 27.23 -13.47 20.82
N TYR A 160 28.35 -13.42 20.08
CA TYR A 160 29.15 -14.60 19.79
C TYR A 160 30.41 -14.70 20.66
N ASP A 161 30.57 -13.85 21.66
CA ASP A 161 31.79 -13.84 22.51
C ASP A 161 32.98 -13.86 21.55
N ASP A 162 33.95 -14.75 21.73
CA ASP A 162 35.12 -14.78 20.87
C ASP A 162 35.04 -15.91 19.83
N TRP A 163 33.85 -16.47 19.62
CA TRP A 163 33.71 -17.72 18.85
C TRP A 163 34.31 -17.58 17.44
N LEU A 164 34.23 -16.40 16.84
CA LEU A 164 34.67 -16.27 15.46
C LEU A 164 36.18 -16.39 15.33
N ASP A 165 36.92 -16.41 16.46
CA ASP A 165 38.34 -16.67 16.42
C ASP A 165 38.64 -18.08 15.90
N ARG A 166 37.63 -18.93 15.93
CA ARG A 166 37.75 -20.36 15.77
C ARG A 166 36.75 -20.95 14.77
N ILE A 167 35.59 -20.31 14.59
CA ILE A 167 34.58 -20.84 13.68
C ILE A 167 34.09 -19.73 12.78
N SER A 168 33.31 -20.15 11.77
CA SER A 168 32.71 -19.25 10.79
C SER A 168 31.43 -18.61 11.33
N SER A 169 31.00 -17.54 10.64
N SER A 169 31.01 -17.54 10.63
CA SER A 169 29.75 -16.90 11.03
CA SER A 169 29.78 -16.85 11.03
C SER A 169 28.61 -17.89 10.91
C SER A 169 28.57 -17.75 10.87
N TYR A 170 28.56 -18.60 9.85
CA TYR A 170 27.43 -19.51 9.70
C TYR A 170 27.34 -20.44 10.89
N THR A 171 28.48 -20.99 11.32
CA THR A 171 28.46 -21.94 12.43
C THR A 171 28.12 -21.23 13.74
N ALA A 172 28.59 -19.98 13.88
CA ALA A 172 28.31 -19.23 15.08
C ALA A 172 26.82 -18.92 15.17
N PHE A 173 26.23 -18.45 14.07
CA PHE A 173 24.79 -18.25 14.04
C PHE A 173 24.06 -19.51 14.35
N SER A 174 24.54 -20.65 13.87
CA SER A 174 23.82 -21.89 14.15
C SER A 174 23.87 -22.24 15.62
N ARG A 175 25.07 -22.14 16.23
CA ARG A 175 25.17 -22.33 17.67
C ARG A 175 24.21 -21.38 18.42
N LEU A 176 24.18 -20.11 18.02
CA LEU A 176 23.36 -19.13 18.73
C LEU A 176 21.89 -19.49 18.62
N THR A 177 21.41 -19.82 17.41
CA THR A 177 20.02 -20.21 17.26
C THR A 177 19.72 -21.50 17.98
N LEU A 178 20.68 -22.38 18.10
CA LEU A 178 20.44 -23.59 18.88
C LEU A 178 20.27 -23.26 20.36
N LEU A 179 21.16 -22.46 20.88
CA LEU A 179 21.08 -22.03 22.28
C LEU A 179 19.76 -21.30 22.55
N LEU A 180 19.39 -20.36 21.70
CA LEU A 180 18.19 -19.60 22.01
C LEU A 180 16.95 -20.46 21.84
N ARG A 181 16.93 -21.30 20.81
CA ARG A 181 15.78 -22.20 20.67
C ARG A 181 15.62 -23.06 21.90
N ALA A 182 16.72 -23.62 22.43
CA ALA A 182 16.61 -24.41 23.66
C ALA A 182 16.14 -23.56 24.84
N LEU A 183 16.73 -22.41 25.01
CA LEU A 183 16.28 -21.59 26.11
C LEU A 183 14.78 -21.32 25.99
N LYS A 184 14.29 -21.17 24.76
CA LYS A 184 12.88 -20.87 24.56
C LYS A 184 12.00 -22.06 24.90
N THR A 185 12.47 -23.28 24.68
N THR A 185 12.49 -23.28 24.70
CA THR A 185 11.59 -24.44 24.85
CA THR A 185 11.65 -24.46 24.83
C THR A 185 11.56 -24.92 26.30
C THR A 185 11.58 -24.93 26.27
N ASN A 186 12.68 -24.81 27.01
CA ASN A 186 12.69 -25.15 28.44
C ASN A 186 13.89 -24.38 29.00
N GLU A 187 13.61 -23.17 29.50
CA GLU A 187 14.69 -22.34 29.99
C GLU A 187 15.45 -23.04 31.12
N GLU A 188 14.73 -23.67 32.05
CA GLU A 188 15.41 -24.23 33.21
C GLU A 188 16.44 -25.26 32.75
N SER A 189 15.99 -26.21 31.93
CA SER A 189 16.86 -27.27 31.45
C SER A 189 18.01 -26.72 30.60
N ALA A 190 17.70 -25.83 29.65
CA ALA A 190 18.77 -25.18 28.90
C ALA A 190 19.79 -24.56 29.85
N LYS A 191 19.33 -23.79 30.81
CA LYS A 191 20.26 -23.15 31.74
C LYS A 191 21.04 -24.20 32.52
N MET A 192 20.35 -25.23 33.00
CA MET A 192 21.06 -26.27 33.77
CA MET A 192 21.06 -26.27 33.77
C MET A 192 22.20 -26.88 32.96
N ILE A 193 22.00 -27.07 31.65
CA ILE A 193 23.03 -27.65 30.80
C ILE A 193 24.25 -26.75 30.79
N LEU A 194 24.04 -25.46 30.57
CA LEU A 194 25.15 -24.54 30.34
C LEU A 194 26.10 -24.49 31.54
N LEU A 195 25.60 -24.78 32.75
CA LEU A 195 26.31 -24.52 33.99
C LEU A 195 26.56 -25.76 34.84
N SER A 196 26.32 -26.95 34.31
CA SER A 196 26.48 -28.17 35.09
C SER A 196 27.88 -28.30 35.65
N ASP A 197 28.86 -27.71 34.97
CA ASP A 197 30.27 -27.82 35.31
C ASP A 197 30.73 -26.52 35.93
N PRO A 198 30.78 -26.40 37.26
CA PRO A 198 31.11 -25.09 37.86
C PRO A 198 32.44 -24.53 37.40
N THR A 199 33.32 -25.36 36.82
CA THR A 199 34.65 -24.90 36.45
C THR A 199 34.67 -24.16 35.13
N ILE A 200 33.64 -24.28 34.30
CA ILE A 200 33.59 -23.58 33.02
C ILE A 200 32.91 -22.23 33.26
N THR A 201 33.71 -21.19 33.37
CA THR A 201 33.21 -19.87 33.74
C THR A 201 32.81 -19.04 32.51
N ILE A 202 32.04 -17.98 32.78
CA ILE A 202 31.69 -16.96 31.81
C ILE A 202 32.59 -15.77 32.05
N LYS A 203 33.33 -15.37 31.03
CA LYS A 203 34.25 -14.26 31.17
C LYS A 203 33.47 -12.95 31.36
N SER A 204 34.06 -12.06 32.12
CA SER A 204 33.33 -10.83 32.44
C SER A 204 32.88 -10.13 31.17
N TYR A 205 33.67 -10.19 30.09
CA TYR A 205 33.31 -9.53 28.83
C TYR A 205 32.60 -10.47 27.84
N HIS A 206 32.01 -11.57 28.33
CA HIS A 206 31.31 -12.56 27.51
C HIS A 206 29.93 -12.86 28.09
N LEU A 207 29.09 -13.46 27.28
CA LEU A 207 27.72 -13.78 27.66
C LEU A 207 27.54 -15.24 28.00
N TRP A 208 28.37 -16.10 27.41
CA TRP A 208 28.26 -17.53 27.45
C TRP A 208 29.54 -18.14 28.01
N PRO A 209 29.48 -19.35 28.54
CA PRO A 209 30.69 -19.97 29.11
C PRO A 209 31.82 -20.17 28.11
N SER A 210 33.06 -20.23 28.64
CA SER A 210 34.26 -20.45 27.83
C SER A 210 34.49 -21.95 27.62
N PHE A 211 33.61 -22.55 26.81
CA PHE A 211 33.78 -23.96 26.42
C PHE A 211 34.95 -24.12 25.46
N THR A 212 35.64 -25.25 25.59
CA THR A 212 36.51 -25.72 24.52
C THR A 212 35.66 -26.18 23.34
N ASP A 213 36.33 -26.49 22.21
CA ASP A 213 35.59 -26.98 21.05
C ASP A 213 34.86 -28.28 21.37
N GLU A 214 35.55 -29.19 22.09
CA GLU A 214 35.02 -30.49 22.47
C GLU A 214 33.82 -30.36 23.37
N GLN A 215 33.84 -29.36 24.24
CA GLN A 215 32.73 -29.14 25.15
C GLN A 215 31.55 -28.49 24.45
N TRP A 216 31.82 -27.67 23.44
CA TRP A 216 30.74 -27.13 22.60
C TRP A 216 29.97 -28.23 21.88
N ILE A 217 30.67 -29.24 21.37
CA ILE A 217 29.98 -30.35 20.69
C ILE A 217 29.08 -31.08 21.68
N THR A 218 29.64 -31.46 22.83
CA THR A 218 28.86 -32.05 23.91
C THR A 218 27.65 -31.16 24.24
N ILE A 219 27.90 -29.88 24.45
CA ILE A 219 26.82 -28.95 24.80
C ILE A 219 25.80 -28.90 23.67
N GLU A 220 26.28 -28.71 22.43
CA GLU A 220 25.37 -28.58 21.31
C GLU A 220 24.50 -29.83 21.18
N SER A 221 25.08 -31.01 21.41
N SER A 221 25.09 -31.02 21.38
CA SER A 221 24.30 -32.23 21.32
CA SER A 221 24.29 -32.23 21.33
C SER A 221 23.31 -32.33 22.47
C SER A 221 23.25 -32.25 22.44
N GLN A 222 23.65 -31.79 23.63
CA GLN A 222 22.71 -31.80 24.75
C GLN A 222 21.56 -30.82 24.50
N MET A 223 21.81 -29.70 23.83
CA MET A 223 20.72 -28.81 23.48
C MET A 223 19.80 -29.43 22.43
N ARG A 224 20.36 -30.17 21.47
N ARG A 224 20.35 -30.19 21.48
CA ARG A 224 19.53 -30.85 20.49
CA ARG A 224 19.49 -30.82 20.48
C ARG A 224 18.60 -31.84 21.15
C ARG A 224 18.60 -31.88 21.12
N ASP A 225 19.15 -32.70 22.02
CA ASP A 225 18.32 -33.66 22.74
CA ASP A 225 18.32 -33.66 22.76
C ASP A 225 17.17 -32.95 23.48
N LEU A 226 17.48 -31.90 24.24
CA LEU A 226 16.43 -31.16 24.95
C LEU A 226 15.31 -30.74 23.99
N ILE A 227 15.67 -30.16 22.85
CA ILE A 227 14.67 -29.62 21.93
C ILE A 227 13.82 -30.74 21.33
N LEU A 228 14.44 -31.90 21.03
CA LEU A 228 13.66 -33.06 20.62
C LEU A 228 12.75 -33.53 21.76
N THR A 229 13.35 -33.83 22.92
CA THR A 229 12.57 -34.29 24.04
C THR A 229 11.34 -33.42 24.28
N GLU A 230 11.55 -32.13 24.58
CA GLU A 230 10.44 -31.23 24.87
C GLU A 230 9.40 -31.22 23.76
N TYR A 231 9.74 -31.71 22.56
CA TYR A 231 8.73 -31.92 21.53
C TYR A 231 7.86 -33.14 21.86
N GLY A 232 8.49 -34.24 22.25
CA GLY A 232 7.75 -35.41 22.69
C GLY A 232 6.81 -35.06 23.82
N ARG A 233 7.37 -34.61 24.95
CA ARG A 233 6.56 -34.24 26.11
C ARG A 233 5.38 -33.35 25.74
N LYS A 234 5.53 -32.54 24.70
CA LYS A 234 4.42 -31.67 24.28
C LYS A 234 3.47 -32.41 23.35
N TYR A 235 4.00 -33.10 22.35
CA TYR A 235 3.18 -33.81 21.38
C TYR A 235 2.92 -35.27 21.75
N ASN A 236 3.63 -35.81 22.75
CA ASN A 236 3.54 -37.24 23.06
C ASN A 236 3.92 -38.05 21.82
N VAL A 237 5.23 -38.29 21.63
CA VAL A 237 5.74 -39.05 20.50
C VAL A 237 6.89 -39.96 20.93
N MET B 5 -29.49 21.94 -27.73
CA MET B 5 -28.99 20.58 -28.06
C MET B 5 -27.74 20.67 -28.93
N ASN B 6 -26.87 19.64 -28.92
CA ASN B 6 -25.65 19.59 -29.78
C ASN B 6 -25.53 18.16 -30.36
N THR B 7 -24.71 18.00 -31.39
CA THR B 7 -24.67 16.83 -32.25
C THR B 7 -23.25 16.37 -32.50
N VAL B 8 -22.94 15.05 -32.45
CA VAL B 8 -21.62 14.47 -32.90
C VAL B 8 -21.87 13.68 -34.20
N PRO B 9 -21.75 14.29 -35.38
CA PRO B 9 -22.09 13.56 -36.57
C PRO B 9 -21.00 12.57 -37.04
N PHE B 10 -21.33 11.64 -37.91
CA PHE B 10 -20.36 10.63 -38.38
C PHE B 10 -20.29 10.67 -39.92
N THR B 11 -19.09 10.56 -40.48
CA THR B 11 -18.83 10.39 -41.93
C THR B 11 -19.76 9.29 -42.45
N SER B 12 -19.61 8.16 -41.79
CA SER B 12 -20.22 6.87 -42.04
C SER B 12 -19.65 5.93 -40.97
N ALA B 13 -20.13 4.72 -40.96
CA ALA B 13 -19.75 3.61 -40.08
C ALA B 13 -19.32 2.41 -40.92
N PRO B 14 -18.08 2.41 -41.43
CA PRO B 14 -17.68 1.35 -42.39
C PRO B 14 -17.41 0.01 -41.76
N ILE B 15 -17.06 -0.06 -40.48
CA ILE B 15 -16.80 -1.32 -39.81
C ILE B 15 -17.78 -1.51 -38.66
N GLU B 16 -18.24 -2.75 -38.50
CA GLU B 16 -19.12 -3.13 -37.42
C GLU B 16 -18.51 -2.71 -36.08
N VAL B 17 -19.27 -1.97 -35.28
CA VAL B 17 -18.70 -1.36 -34.08
C VAL B 17 -19.80 -1.16 -33.05
N THR B 18 -19.45 -1.35 -31.80
CA THR B 18 -20.29 -0.92 -30.70
C THR B 18 -19.85 0.46 -30.22
N ILE B 19 -20.81 1.40 -30.23
CA ILE B 19 -20.59 2.80 -29.92
C ILE B 19 -21.16 3.05 -28.52
N GLY B 20 -20.36 3.54 -27.59
CA GLY B 20 -21.01 3.97 -26.36
C GLY B 20 -20.84 5.44 -26.12
N ILE B 21 -21.86 6.06 -25.54
CA ILE B 21 -21.92 7.52 -25.32
C ILE B 21 -22.32 7.66 -23.84
N ASP B 22 -21.42 8.10 -22.97
CA ASP B 22 -21.61 8.13 -21.49
C ASP B 22 -21.96 6.72 -21.00
N GLN B 23 -23.08 6.48 -20.28
CA GLN B 23 -23.42 5.21 -19.62
C GLN B 23 -24.08 4.24 -20.61
N TYR B 24 -24.44 4.70 -21.81
CA TYR B 24 -25.11 3.93 -22.88
C TYR B 24 -24.15 3.27 -23.87
N SER B 25 -24.62 2.21 -24.52
CA SER B 25 -23.90 1.44 -25.56
C SER B 25 -24.92 0.93 -26.60
N PHE B 26 -24.54 0.88 -27.87
CA PHE B 26 -25.41 0.38 -28.97
C PHE B 26 -24.56 -0.11 -30.14
N ASN B 27 -25.17 -0.93 -30.98
CA ASN B 27 -24.47 -1.58 -32.10
C ASN B 27 -24.77 -0.95 -33.46
N VAL B 28 -23.76 -0.85 -34.33
CA VAL B 28 -23.87 -0.42 -35.71
C VAL B 28 -23.23 -1.49 -36.61
N LYS B 29 -23.96 -1.91 -37.65
CA LYS B 29 -23.49 -3.00 -38.51
C LYS B 29 -22.66 -2.44 -39.67
N GLU B 30 -21.75 -3.26 -40.18
CA GLU B 30 -20.89 -2.84 -41.28
C GLU B 30 -21.67 -2.16 -42.40
N ASN B 31 -21.44 -0.87 -42.61
CA ASN B 31 -22.05 -0.11 -43.69
C ASN B 31 -23.55 0.07 -43.55
N GLN B 32 -24.11 -0.18 -42.38
CA GLN B 32 -25.43 0.34 -42.08
C GLN B 32 -25.38 1.87 -42.18
N PRO B 33 -26.48 2.50 -42.63
CA PRO B 33 -26.47 3.96 -42.78
C PRO B 33 -26.54 4.70 -41.46
N PHE B 34 -25.38 4.96 -40.85
CA PHE B 34 -25.32 5.58 -39.53
C PHE B 34 -24.50 6.86 -39.60
N HIS B 35 -25.14 8.00 -39.26
CA HIS B 35 -24.44 9.28 -39.24
C HIS B 35 -24.51 10.06 -37.95
N GLY B 36 -24.34 9.30 -36.85
CA GLY B 36 -23.99 9.84 -35.52
C GLY B 36 -25.05 9.87 -34.44
N ILE B 37 -24.87 10.77 -33.46
CA ILE B 37 -25.72 11.00 -32.26
C ILE B 37 -26.14 12.47 -32.17
N LYS B 38 -27.44 12.77 -32.07
CA LYS B 38 -27.96 14.15 -31.90
C LYS B 38 -28.67 14.27 -30.55
N ASP B 39 -29.05 15.48 -30.19
CA ASP B 39 -29.78 15.82 -28.93
C ASP B 39 -28.92 15.48 -27.70
N ILE B 40 -27.63 15.79 -27.74
CA ILE B 40 -26.67 15.53 -26.63
C ILE B 40 -26.80 16.67 -25.60
N PRO B 41 -27.28 16.45 -24.36
CA PRO B 41 -27.45 17.53 -23.39
C PRO B 41 -26.25 18.47 -23.19
N ILE B 42 -26.37 19.75 -23.52
CA ILE B 42 -25.28 20.76 -23.34
C ILE B 42 -25.01 21.00 -21.86
N GLY B 43 -23.74 21.21 -21.46
CA GLY B 43 -23.42 21.66 -20.11
C GLY B 43 -22.62 20.64 -19.31
N HIS B 44 -22.35 19.46 -19.91
CA HIS B 44 -21.60 18.41 -19.27
C HIS B 44 -20.45 18.05 -20.20
N VAL B 45 -19.43 17.39 -19.64
N VAL B 45 -19.40 17.43 -19.64
CA VAL B 45 -18.47 16.66 -20.46
CA VAL B 45 -18.49 16.69 -20.51
C VAL B 45 -19.12 15.35 -20.91
C VAL B 45 -19.19 15.41 -20.96
N HIS B 46 -18.74 14.89 -22.09
CA HIS B 46 -19.26 13.64 -22.63
C HIS B 46 -18.11 12.71 -23.09
N VAL B 47 -18.41 11.43 -23.14
CA VAL B 47 -17.45 10.47 -23.72
C VAL B 47 -18.12 9.64 -24.79
N ILE B 48 -17.51 9.59 -25.97
N ILE B 48 -17.57 9.65 -25.99
CA ILE B 48 -17.96 8.72 -27.04
CA ILE B 48 -17.94 8.71 -27.04
C ILE B 48 -16.86 7.69 -27.29
C ILE B 48 -16.84 7.67 -27.08
N HIS B 49 -17.23 6.41 -27.29
CA HIS B 49 -16.22 5.35 -27.37
C HIS B 49 -16.69 4.16 -28.20
N PHE B 50 -15.72 3.29 -28.48
CA PHE B 50 -15.79 2.34 -29.56
C PHE B 50 -15.20 1.01 -29.15
N GLN B 51 -15.91 -0.05 -29.48
CA GLN B 51 -15.35 -1.39 -29.41
C GLN B 51 -15.69 -2.12 -30.71
N HIS B 52 -14.66 -2.35 -31.51
CA HIS B 52 -14.82 -3.00 -32.81
C HIS B 52 -15.31 -4.44 -32.69
N ALA B 53 -16.23 -4.83 -33.58
CA ALA B 53 -16.88 -6.13 -33.46
C ALA B 53 -15.85 -7.26 -33.50
N ASP B 54 -14.71 -7.01 -34.15
CA ASP B 54 -13.71 -8.02 -34.48
C ASP B 54 -12.57 -8.12 -33.47
N ASN B 55 -12.12 -6.99 -32.93
CA ASN B 55 -11.01 -6.96 -31.98
C ASN B 55 -11.56 -6.26 -30.74
N SER B 56 -12.13 -7.05 -29.84
CA SER B 56 -12.55 -6.51 -28.54
C SER B 56 -11.36 -6.06 -27.70
N SER B 57 -10.12 -6.36 -28.12
CA SER B 57 -8.97 -5.67 -27.58
C SER B 57 -9.06 -4.17 -27.95
N MET B 58 -8.60 -3.31 -27.03
N MET B 58 -8.67 -3.34 -26.97
CA MET B 58 -8.65 -1.87 -27.27
CA MET B 58 -8.63 -1.90 -27.13
C MET B 58 -10.09 -1.35 -27.37
C MET B 58 -10.01 -1.30 -27.34
N ARG B 59 -10.70 -1.06 -26.23
CA ARG B 59 -11.73 -0.02 -26.19
C ARG B 59 -11.00 1.32 -26.33
N TYR B 60 -11.51 2.25 -27.14
CA TYR B 60 -10.97 3.60 -27.20
C TYR B 60 -12.13 4.59 -27.33
N GLY B 61 -11.88 5.86 -26.97
CA GLY B 61 -12.92 6.90 -27.05
C GLY B 61 -12.35 8.29 -26.84
N TYR B 62 -13.25 9.26 -26.85
CA TYR B 62 -12.88 10.68 -26.84
C TYR B 62 -13.75 11.38 -25.80
N TRP B 63 -13.11 12.11 -24.90
CA TRP B 63 -13.79 13.03 -24.00
C TRP B 63 -13.94 14.36 -24.70
N PHE B 64 -15.12 14.99 -24.54
CA PHE B 64 -15.28 16.26 -25.24
C PHE B 64 -16.37 17.11 -24.60
N ASP B 65 -16.39 18.38 -24.97
CA ASP B 65 -17.44 19.30 -24.53
C ASP B 65 -17.90 20.10 -25.74
N CYS B 66 -19.18 19.95 -26.08
CA CYS B 66 -19.73 20.59 -27.26
C CYS B 66 -19.64 22.09 -27.20
N ARG B 67 -19.55 22.67 -26.02
CA ARG B 67 -19.40 24.12 -25.97
C ARG B 67 -18.09 24.56 -26.60
N MET B 68 -17.08 23.68 -26.59
N MET B 68 -17.07 23.70 -26.58
CA MET B 68 -15.74 24.05 -27.03
CA MET B 68 -15.74 24.08 -27.02
C MET B 68 -15.52 23.86 -28.52
C MET B 68 -15.51 23.86 -28.52
N GLY B 69 -16.54 23.49 -29.26
CA GLY B 69 -16.40 23.38 -30.71
C GLY B 69 -17.32 22.35 -31.33
N ASN B 70 -17.26 22.31 -32.67
CA ASN B 70 -18.01 21.36 -33.47
C ASN B 70 -17.13 20.13 -33.79
N PHE B 71 -17.49 18.94 -33.27
CA PHE B 71 -16.70 17.70 -33.39
C PHE B 71 -17.49 16.67 -34.15
N TYR B 72 -16.79 15.85 -34.93
CA TYR B 72 -17.37 14.83 -35.82
C TYR B 72 -16.47 13.59 -35.82
N ILE B 73 -17.03 12.49 -36.26
CA ILE B 73 -16.35 11.19 -36.21
C ILE B 73 -16.06 10.73 -37.63
N GLN B 74 -14.81 10.45 -37.98
CA GLN B 74 -14.51 9.86 -39.32
C GLN B 74 -13.70 8.57 -39.15
N TYR B 75 -14.10 7.45 -39.75
CA TYR B 75 -13.29 6.22 -39.70
C TYR B 75 -12.05 6.36 -40.61
N ASP B 76 -10.86 6.21 -40.06
CA ASP B 76 -9.61 6.28 -40.81
C ASP B 76 -9.25 4.87 -41.27
N PRO B 77 -9.23 4.58 -42.56
CA PRO B 77 -8.88 3.21 -42.98
C PRO B 77 -7.39 2.89 -42.90
N LYS B 78 -6.51 3.91 -42.79
CA LYS B 78 -5.09 3.65 -42.54
C LYS B 78 -4.86 3.26 -41.09
N ASP B 79 -5.27 4.12 -40.15
CA ASP B 79 -5.04 3.85 -38.73
C ASP B 79 -6.07 2.92 -38.14
N GLY B 80 -7.18 2.69 -38.82
CA GLY B 80 -8.09 1.67 -38.36
C GLY B 80 -8.86 2.00 -37.09
N LEU B 81 -9.27 3.25 -36.92
CA LEU B 81 -10.17 3.57 -35.82
C LEU B 81 -11.06 4.73 -36.24
N TYR B 82 -12.11 4.91 -35.45
CA TYR B 82 -12.99 6.06 -35.58
C TYR B 82 -12.32 7.22 -34.86
N LYS B 83 -12.03 8.29 -35.58
CA LYS B 83 -11.26 9.41 -35.07
C LYS B 83 -12.19 10.61 -34.88
N MET B 84 -12.01 11.30 -33.75
CA MET B 84 -12.70 12.55 -33.51
C MET B 84 -11.95 13.69 -34.19
N MET B 85 -12.68 14.56 -34.88
CA MET B 85 -12.08 15.70 -35.56
C MET B 85 -12.90 16.95 -35.31
N GLU B 86 -12.27 18.08 -35.57
CA GLU B 86 -12.94 19.38 -35.43
C GLU B 86 -13.24 19.97 -36.82
N GLU B 87 -14.45 20.49 -37.04
CA GLU B 87 -14.79 21.24 -38.27
C GLU B 87 -14.64 22.69 -37.80
N ARG B 88 -13.72 23.46 -38.38
CA ARG B 88 -13.53 24.88 -38.01
C ARG B 88 -14.56 25.72 -38.77
N ASP B 89 -15.07 25.21 -39.90
CA ASP B 89 -16.11 25.90 -40.68
C ASP B 89 -17.44 25.67 -39.96
N GLY B 90 -17.76 26.51 -38.97
CA GLY B 90 -19.05 26.43 -38.27
C GLY B 90 -20.20 26.36 -39.25
N ALA B 91 -20.21 27.28 -40.21
CA ALA B 91 -21.29 27.46 -41.17
C ALA B 91 -21.57 26.18 -41.91
N LYS B 92 -20.54 25.43 -42.29
CA LYS B 92 -20.67 24.20 -43.13
C LYS B 92 -21.01 22.97 -42.31
N PHE B 93 -20.77 23.00 -40.97
CA PHE B 93 -21.06 21.88 -40.02
C PHE B 93 -22.54 21.94 -39.70
N GLU B 94 -22.97 23.16 -39.36
CA GLU B 94 -24.38 23.55 -39.15
C GLU B 94 -25.19 22.98 -40.31
N ASN B 95 -24.80 23.24 -41.55
CA ASN B 95 -25.52 22.76 -42.73
C ASN B 95 -25.67 21.26 -42.73
N ILE B 96 -24.64 20.42 -42.65
CA ILE B 96 -24.79 18.94 -42.84
C ILE B 96 -25.51 18.27 -41.66
N VAL B 97 -25.49 18.86 -40.49
CA VAL B 97 -26.23 18.45 -39.26
C VAL B 97 -27.75 18.48 -39.59
N HIS B 98 -28.19 19.37 -40.45
CA HIS B 98 -29.58 19.44 -40.99
C HIS B 98 -29.93 18.24 -41.88
N ASN B 99 -29.16 17.94 -42.93
CA ASN B 99 -29.43 16.81 -43.84
C ASN B 99 -29.36 15.59 -42.96
N PHE B 100 -28.46 15.54 -42.00
CA PHE B 100 -28.41 14.36 -41.12
C PHE B 100 -29.73 14.34 -40.36
N LYS B 101 -30.18 15.44 -39.80
CA LYS B 101 -31.44 15.53 -39.03
C LYS B 101 -32.65 15.22 -39.92
N GLU B 102 -32.65 15.59 -41.19
CA GLU B 102 -33.82 15.56 -42.08
C GLU B 102 -33.95 14.18 -42.74
N ARG B 103 -32.86 13.54 -43.09
CA ARG B 103 -32.90 12.15 -43.51
C ARG B 103 -33.01 11.17 -42.35
N GLN B 104 -32.98 11.66 -41.11
CA GLN B 104 -33.22 10.89 -39.88
C GLN B 104 -32.25 9.73 -39.75
N MET B 105 -31.01 9.98 -40.13
CA MET B 105 -29.92 9.02 -40.03
C MET B 105 -29.06 9.29 -38.80
N MET B 106 -29.63 9.92 -37.80
CA MET B 106 -28.94 10.09 -36.51
C MET B 106 -29.87 9.55 -35.45
N VAL B 107 -29.33 8.83 -34.50
CA VAL B 107 -30.10 8.32 -33.35
C VAL B 107 -30.22 9.50 -32.37
N SER B 108 -31.24 9.49 -31.52
CA SER B 108 -31.45 10.57 -30.53
C SER B 108 -30.85 10.13 -29.18
N TYR B 109 -29.92 10.91 -28.62
CA TYR B 109 -29.42 10.67 -27.24
C TYR B 109 -30.67 10.67 -26.36
N PRO B 110 -30.97 9.63 -25.56
CA PRO B 110 -32.21 9.67 -24.81
C PRO B 110 -32.20 10.78 -23.75
N LYS B 111 -32.93 11.87 -23.96
CA LYS B 111 -32.98 12.90 -22.90
C LYS B 111 -34.12 12.42 -22.00
N ILE B 112 -33.81 11.54 -21.05
CA ILE B 112 -34.78 10.94 -20.10
C ILE B 112 -34.99 12.00 -19.02
N ASP B 113 -36.25 12.25 -18.60
CA ASP B 113 -36.65 13.27 -17.58
C ASP B 113 -36.60 12.73 -16.15
N GLU B 114 -36.28 11.44 -15.97
CA GLU B 114 -36.23 10.80 -14.64
C GLU B 114 -34.78 10.43 -14.26
N ASP B 115 -33.75 10.93 -14.98
CA ASP B 115 -32.40 10.56 -14.57
C ASP B 115 -31.70 11.85 -14.21
N ASP B 116 -30.67 11.58 -13.46
CA ASP B 116 -29.53 12.46 -13.29
C ASP B 116 -28.22 11.67 -13.22
N THR B 117 -28.16 10.37 -13.52
CA THR B 117 -26.92 9.53 -13.60
C THR B 117 -25.69 10.19 -14.26
N TRP B 118 -25.78 10.71 -15.48
CA TRP B 118 -24.60 11.34 -16.11
C TRP B 118 -24.25 12.61 -15.38
N TYR B 119 -25.18 13.54 -15.06
CA TYR B 119 -24.84 14.72 -14.29
C TYR B 119 -24.06 14.32 -13.06
N ASN B 120 -24.60 13.33 -12.35
CA ASN B 120 -24.03 12.93 -11.08
C ASN B 120 -22.68 12.26 -11.25
N LEU B 121 -22.52 11.51 -12.34
CA LEU B 121 -21.22 10.82 -12.52
C LEU B 121 -20.14 11.81 -12.95
N THR B 122 -20.54 12.99 -13.43
CA THR B 122 -19.58 13.96 -13.96
C THR B 122 -19.69 15.32 -13.30
N GLU B 123 -20.45 15.43 -12.21
CA GLU B 123 -20.62 16.69 -11.48
C GLU B 123 -19.37 17.58 -11.46
N PHE B 124 -18.19 17.07 -11.05
CA PHE B 124 -17.00 17.91 -10.92
C PHE B 124 -15.98 17.70 -12.06
N VAL B 125 -16.34 17.00 -13.11
CA VAL B 125 -15.37 16.75 -14.20
C VAL B 125 -15.44 17.92 -15.17
N GLN B 126 -14.29 18.48 -15.52
N GLN B 126 -14.29 18.51 -15.48
CA GLN B 126 -14.23 19.64 -16.40
CA GLN B 126 -14.17 19.64 -16.38
C GLN B 126 -13.21 19.37 -17.50
C GLN B 126 -13.24 19.26 -17.52
N MET B 127 -13.58 19.70 -18.73
CA MET B 127 -12.70 19.48 -19.86
C MET B 127 -11.32 20.07 -19.61
N ASP B 128 -11.24 21.23 -18.95
CA ASP B 128 -9.92 21.83 -18.78
C ASP B 128 -9.02 20.92 -17.97
N LYS B 129 -9.57 20.22 -16.99
CA LYS B 129 -8.72 19.35 -16.18
C LYS B 129 -8.36 18.07 -16.93
N ILE B 130 -9.35 17.48 -17.60
CA ILE B 130 -9.12 16.28 -18.40
C ILE B 130 -7.93 16.49 -19.30
N ARG B 131 -7.85 17.64 -19.96
CA ARG B 131 -6.83 17.91 -20.95
C ARG B 131 -5.46 18.13 -20.34
N LYS B 132 -5.38 18.34 -19.02
CA LYS B 132 -4.11 18.35 -18.30
C LYS B 132 -3.69 16.94 -17.86
N ILE B 133 -4.62 16.00 -17.83
CA ILE B 133 -4.31 14.61 -17.54
C ILE B 133 -3.95 13.88 -18.82
N VAL B 134 -4.71 14.13 -19.89
CA VAL B 134 -4.45 13.55 -21.21
C VAL B 134 -3.86 14.69 -22.03
N ARG B 135 -2.55 14.70 -22.19
CA ARG B 135 -1.89 15.84 -22.79
C ARG B 135 -1.87 15.70 -24.30
N LYS B 136 -2.59 16.60 -24.98
CA LYS B 136 -2.58 16.66 -26.44
C LYS B 136 -3.34 17.91 -26.86
N ASP B 137 -2.65 19.03 -26.87
CA ASP B 137 -3.31 20.32 -26.85
C ASP B 137 -3.68 20.85 -28.22
N GLU B 138 -3.24 20.20 -29.30
CA GLU B 138 -3.71 20.63 -30.61
C GLU B 138 -5.19 20.32 -30.79
N ASN B 139 -5.75 19.38 -30.05
CA ASN B 139 -7.17 19.06 -30.11
C ASN B 139 -7.89 19.60 -28.88
N GLN B 140 -9.16 19.91 -29.05
CA GLN B 140 -10.03 20.35 -27.97
C GLN B 140 -10.65 19.19 -27.20
N PHE B 141 -10.50 17.97 -27.72
CA PHE B 141 -11.08 16.76 -27.18
C PHE B 141 -9.93 15.82 -26.78
N SER B 142 -10.20 14.86 -25.92
CA SER B 142 -9.13 14.05 -25.31
C SER B 142 -9.31 12.57 -25.55
N TYR B 143 -8.29 11.93 -26.18
CA TYR B 143 -8.37 10.50 -26.50
C TYR B 143 -7.90 9.63 -25.35
N VAL B 144 -8.63 8.55 -25.07
CA VAL B 144 -8.20 7.58 -24.05
C VAL B 144 -8.44 6.18 -24.60
N ASP B 145 -7.65 5.22 -24.11
CA ASP B 145 -7.96 3.81 -24.37
C ASP B 145 -7.52 2.86 -23.27
N SER B 146 -7.96 1.60 -23.42
CA SER B 146 -7.69 0.47 -22.55
C SER B 146 -6.24 0.45 -22.07
N SER B 147 -5.33 0.66 -22.98
CA SER B 147 -3.96 0.29 -22.73
C SER B 147 -3.09 1.41 -22.21
N MET B 148 -3.55 2.66 -22.26
CA MET B 148 -2.74 3.77 -21.76
C MET B 148 -2.42 3.60 -20.28
N THR B 149 -1.21 4.00 -19.92
CA THR B 149 -0.67 3.77 -18.59
C THR B 149 -0.53 5.12 -17.90
N THR B 150 -0.41 5.08 -16.56
CA THR B 150 -0.40 6.33 -15.82
C THR B 150 1.05 6.78 -15.59
N VAL B 151 1.19 8.06 -15.23
CA VAL B 151 2.51 8.58 -14.88
C VAL B 151 3.13 7.72 -13.80
N GLN B 152 2.35 7.38 -12.77
CA GLN B 152 2.87 6.60 -11.66
C GLN B 152 3.25 5.20 -12.11
N GLU B 153 2.45 4.61 -13.02
CA GLU B 153 2.75 3.27 -13.54
C GLU B 153 4.07 3.25 -14.32
N ASN B 154 4.31 4.29 -15.12
CA ASN B 154 5.56 4.38 -15.89
C ASN B 154 6.77 4.46 -14.98
N GLU B 155 6.59 4.97 -13.76
CA GLU B 155 7.71 5.07 -12.82
C GLU B 155 8.21 3.68 -12.42
N LEU B 156 7.30 2.79 -12.07
CA LEU B 156 7.66 1.47 -11.55
C LEU B 156 7.74 0.42 -12.66
N SER B 161 6.56 2.59 -22.66
CA SER B 161 7.54 3.50 -22.08
C SER B 161 7.19 4.96 -22.39
N ASP B 162 6.20 5.14 -23.28
CA ASP B 162 6.01 6.39 -24.01
C ASP B 162 5.18 7.40 -23.23
N PRO B 163 5.77 8.50 -22.75
CA PRO B 163 5.03 9.39 -21.84
C PRO B 163 4.00 10.29 -22.50
N ALA B 164 4.07 10.49 -23.82
CA ALA B 164 3.08 11.35 -24.46
C ALA B 164 1.69 10.73 -24.41
N HIS B 165 1.62 9.41 -24.40
CA HIS B 165 0.39 8.64 -24.27
C HIS B 165 0.05 8.34 -22.81
N SER B 166 0.49 9.19 -21.91
CA SER B 166 0.31 8.97 -20.48
C SER B 166 -0.99 9.60 -19.97
N LEU B 167 -1.57 8.94 -18.96
CA LEU B 167 -2.58 9.52 -18.08
C LEU B 167 -1.87 10.17 -16.89
N ASN B 168 -1.77 11.51 -16.91
N ASN B 168 -1.78 11.51 -16.92
CA ASN B 168 -0.97 12.26 -15.93
CA ASN B 168 -1.02 12.31 -15.93
C ASN B 168 -1.79 12.57 -14.66
C ASN B 168 -1.85 12.58 -14.67
N TYR B 169 -2.30 11.49 -14.05
CA TYR B 169 -3.04 11.62 -12.82
C TYR B 169 -2.12 12.13 -11.72
N THR B 170 -2.71 12.65 -10.66
CA THR B 170 -1.91 13.11 -9.53
C THR B 170 -1.35 11.92 -8.76
N VAL B 171 -0.04 11.95 -8.55
CA VAL B 171 0.59 10.84 -7.87
C VAL B 171 0.23 10.86 -6.38
N ILE B 172 -0.37 9.79 -5.92
CA ILE B 172 -0.63 9.48 -4.52
C ILE B 172 0.21 8.27 -4.13
N ASN B 173 0.96 8.40 -3.03
CA ASN B 173 1.81 7.31 -2.53
C ASN B 173 1.87 7.44 -1.01
N PHE B 174 1.29 6.48 -0.33
CA PHE B 174 1.14 6.56 1.12
C PHE B 174 2.44 6.33 1.87
N LYS B 175 3.46 5.74 1.23
CA LYS B 175 4.74 5.50 1.89
C LYS B 175 5.75 6.35 1.16
N SER B 176 5.54 7.64 1.11
CA SER B 176 6.45 8.57 0.48
C SER B 176 6.65 9.75 1.41
N ARG B 177 7.70 10.52 1.12
CA ARG B 177 8.01 11.67 1.95
C ARG B 177 6.91 12.72 1.85
N GLU B 178 6.35 12.90 0.65
CA GLU B 178 5.25 13.85 0.51
C GLU B 178 4.15 13.53 1.51
N ALA B 179 3.91 12.25 1.76
CA ALA B 179 2.79 11.80 2.57
C ALA B 179 3.08 11.77 4.06
N ILE B 180 4.35 11.80 4.45
CA ILE B 180 4.72 11.53 5.83
C ILE B 180 5.63 12.64 6.30
N ARG B 181 5.21 13.34 7.33
CA ARG B 181 6.04 14.41 7.89
C ARG B 181 7.10 13.79 8.79
N PRO B 182 8.36 14.18 8.67
CA PRO B 182 9.36 13.68 9.63
C PRO B 182 8.95 14.03 11.06
N GLY B 183 8.94 13.01 11.92
CA GLY B 183 8.59 13.18 13.31
C GLY B 183 7.15 12.86 13.65
N HIS B 184 6.30 12.77 12.63
CA HIS B 184 4.91 12.35 12.74
C HIS B 184 4.70 11.04 11.99
N GLU B 185 5.77 10.24 11.88
CA GLU B 185 5.75 9.01 11.09
C GLU B 185 4.51 8.18 11.41
N MET B 186 4.38 7.77 12.67
CA MET B 186 3.21 6.97 13.00
C MET B 186 1.93 7.75 12.78
N GLU B 187 1.91 9.04 13.15
CA GLU B 187 0.68 9.83 13.14
C GLU B 187 0.16 9.97 11.72
N ASP B 188 0.99 10.47 10.81
CA ASP B 188 0.55 10.71 9.45
C ASP B 188 0.24 9.42 8.70
N PHE B 189 0.80 8.27 9.12
CA PHE B 189 0.57 7.06 8.32
C PHE B 189 -0.73 6.38 8.71
N LEU B 190 -1.15 6.53 9.98
CA LEU B 190 -2.41 5.99 10.49
C LEU B 190 -3.56 6.99 10.39
N ASP B 191 -3.26 8.28 10.26
CA ASP B 191 -4.26 9.32 10.04
C ASP B 191 -3.70 10.25 8.96
N LYS B 192 -4.21 10.11 7.75
CA LYS B 192 -3.65 10.77 6.58
C LYS B 192 -4.17 12.20 6.39
N SER B 193 -4.76 12.80 7.43
CA SER B 193 -5.39 14.12 7.27
C SER B 193 -4.43 15.16 6.70
N TYR B 194 -3.16 15.14 7.14
N TYR B 194 -3.17 15.13 7.18
N TYR B 194 -3.18 15.16 7.18
CA TYR B 194 -2.25 16.16 6.66
CA TYR B 194 -2.17 16.08 6.71
CA TYR B 194 -2.21 16.13 6.68
C TYR B 194 -1.90 15.96 5.20
C TYR B 194 -2.00 15.95 5.21
C TYR B 194 -2.00 15.96 5.18
N TYR B 195 -1.85 14.71 4.73
CA TYR B 195 -1.63 14.46 3.32
C TYR B 195 -2.84 14.91 2.51
N LEU B 196 -4.04 14.49 2.92
CA LEU B 196 -5.24 14.89 2.17
C LEU B 196 -5.43 16.39 2.25
N ASN B 197 -5.51 16.91 3.47
CA ASN B 197 -5.98 18.27 3.63
C ASN B 197 -4.89 19.27 3.25
N THR B 198 -3.69 19.08 3.74
CA THR B 198 -2.67 20.08 3.47
C THR B 198 -1.94 19.86 2.15
N VAL B 199 -1.50 18.63 1.89
CA VAL B 199 -0.73 18.38 0.68
C VAL B 199 -1.62 18.45 -0.54
N MET B 200 -2.74 17.75 -0.50
CA MET B 200 -3.51 17.53 -1.71
C MET B 200 -4.57 18.59 -1.91
N LEU B 201 -5.41 18.82 -0.91
CA LEU B 201 -6.50 19.76 -1.08
C LEU B 201 -5.97 21.19 -1.21
N GLN B 202 -5.30 21.68 -0.16
N GLN B 202 -5.30 21.68 -0.16
CA GLN B 202 -4.76 23.04 -0.18
CA GLN B 202 -4.74 23.03 -0.18
C GLN B 202 -3.56 23.16 -1.13
C GLN B 202 -3.58 23.15 -1.16
N GLY B 203 -2.71 22.13 -1.19
CA GLY B 203 -1.51 22.21 -2.01
C GLY B 203 -1.70 21.98 -3.50
N ILE B 204 -2.22 20.82 -3.88
CA ILE B 204 -2.16 20.38 -5.27
C ILE B 204 -3.44 20.69 -6.03
N PHE B 205 -4.58 20.27 -5.48
CA PHE B 205 -5.85 20.45 -6.15
C PHE B 205 -6.49 21.80 -5.86
N LYS B 206 -6.14 22.45 -4.75
CA LYS B 206 -6.61 23.78 -4.39
C LYS B 206 -8.00 23.79 -3.75
N ASN B 207 -8.88 22.90 -4.19
CA ASN B 207 -10.25 22.80 -3.66
C ASN B 207 -10.73 21.38 -3.88
N SER B 208 -11.84 21.01 -3.22
CA SER B 208 -12.32 19.62 -3.25
C SER B 208 -12.98 19.26 -4.58
N SER B 209 -13.47 20.25 -5.31
CA SER B 209 -14.11 19.99 -6.59
C SER B 209 -13.09 19.48 -7.61
N ASN B 210 -11.88 20.03 -7.61
CA ASN B 210 -10.83 19.56 -8.52
C ASN B 210 -10.39 18.14 -8.16
N TYR B 211 -10.30 17.85 -6.86
CA TYR B 211 -10.05 16.50 -6.38
C TYR B 211 -11.17 15.57 -6.83
N PHE B 212 -12.39 15.98 -6.61
CA PHE B 212 -13.50 15.12 -6.88
C PHE B 212 -13.62 14.88 -8.38
N GLY B 213 -13.23 15.88 -9.17
CA GLY B 213 -13.23 15.75 -10.61
C GLY B 213 -12.26 14.67 -11.09
N GLU B 214 -11.05 14.64 -10.52
CA GLU B 214 -10.08 13.62 -10.93
C GLU B 214 -10.55 12.23 -10.54
N LEU B 215 -11.06 12.11 -9.32
CA LEU B 215 -11.65 10.87 -8.85
C LEU B 215 -12.73 10.38 -9.78
N GLN B 216 -13.65 11.25 -10.19
CA GLN B 216 -14.73 10.83 -11.05
C GLN B 216 -14.19 10.44 -12.42
N PHE B 217 -13.24 11.22 -12.95
CA PHE B 217 -12.69 10.94 -14.25
C PHE B 217 -11.94 9.61 -14.22
N ALA B 218 -11.24 9.35 -13.11
CA ALA B 218 -10.53 8.10 -12.99
C ALA B 218 -11.50 6.92 -12.97
N PHE B 219 -12.59 7.01 -12.21
CA PHE B 219 -13.55 5.92 -12.21
C PHE B 219 -14.15 5.66 -13.59
N LEU B 220 -14.49 6.75 -14.32
CA LEU B 220 -15.09 6.58 -15.64
C LEU B 220 -14.14 5.94 -16.65
N ASN B 221 -12.86 6.27 -16.59
CA ASN B 221 -11.89 5.66 -17.49
CA ASN B 221 -11.87 5.66 -17.49
C ASN B 221 -11.69 4.17 -17.18
N ALA B 222 -11.74 3.82 -15.89
CA ALA B 222 -11.72 2.41 -15.46
C ALA B 222 -12.93 1.64 -16.01
N MET B 223 -14.14 2.21 -15.87
CA MET B 223 -15.32 1.45 -16.29
C MET B 223 -15.42 1.37 -17.83
N PHE B 224 -15.48 2.49 -18.56
CA PHE B 224 -15.72 2.40 -20.03
C PHE B 224 -14.54 1.85 -20.81
N PHE B 225 -13.31 1.93 -20.33
CA PHE B 225 -12.16 1.40 -21.07
C PHE B 225 -11.41 0.29 -20.35
N GLY B 226 -11.91 -0.12 -19.18
CA GLY B 226 -11.11 -0.98 -18.31
C GLY B 226 -9.67 -0.57 -18.18
N ASN B 227 -9.43 0.72 -18.10
CA ASN B 227 -8.07 1.22 -17.86
C ASN B 227 -7.67 0.90 -16.43
N TYR B 228 -6.71 -0.02 -16.31
CA TYR B 228 -6.29 -0.56 -15.02
C TYR B 228 -5.67 0.53 -14.16
N GLY B 229 -4.83 1.37 -14.78
CA GLY B 229 -4.21 2.48 -14.04
C GLY B 229 -5.21 3.50 -13.48
N SER B 230 -6.31 3.74 -14.19
CA SER B 230 -7.32 4.66 -13.68
C SER B 230 -8.01 4.10 -12.43
N SER B 231 -8.36 2.82 -12.48
CA SER B 231 -8.99 2.14 -11.36
C SER B 231 -8.09 2.22 -10.14
N LEU B 232 -6.79 2.13 -10.32
CA LEU B 232 -5.89 2.27 -9.18
C LEU B 232 -5.91 3.71 -8.64
N GLN B 233 -5.98 4.69 -9.55
CA GLN B 233 -6.13 6.08 -9.12
C GLN B 233 -7.43 6.27 -8.34
N TRP B 234 -8.56 5.81 -8.89
CA TRP B 234 -9.85 5.95 -8.21
C TRP B 234 -9.80 5.39 -6.80
N HIS B 235 -9.37 4.13 -6.67
CA HIS B 235 -9.29 3.50 -5.36
C HIS B 235 -8.33 4.25 -4.42
N ALA B 236 -7.22 4.78 -4.95
CA ALA B 236 -6.31 5.52 -4.10
C ALA B 236 -6.96 6.80 -3.58
N MET B 237 -7.63 7.56 -4.44
CA MET B 237 -8.18 8.82 -3.96
C MET B 237 -9.33 8.57 -2.99
N ILE B 238 -10.03 7.45 -3.12
CA ILE B 238 -11.02 7.09 -2.13
C ILE B 238 -10.32 6.73 -0.82
N GLU B 239 -9.29 5.91 -0.89
CA GLU B 239 -8.70 5.40 0.33
C GLU B 239 -8.14 6.53 1.18
N LEU B 240 -7.53 7.54 0.53
CA LEU B 240 -6.98 8.69 1.25
C LEU B 240 -8.04 9.49 2.01
N ILE B 241 -9.23 9.67 1.46
CA ILE B 241 -10.28 10.33 2.24
C ILE B 241 -10.67 9.46 3.42
N CYS B 242 -10.96 8.18 3.14
CA CYS B 242 -11.41 7.28 4.18
C CYS B 242 -10.35 7.00 5.24
N SER B 243 -9.07 7.22 4.94
CA SER B 243 -8.02 7.03 5.95
C SER B 243 -7.61 8.32 6.63
N SER B 244 -8.42 9.36 6.53
CA SER B 244 -8.16 10.63 7.20
C SER B 244 -9.22 10.79 8.27
N ALA B 245 -8.79 11.06 9.52
CA ALA B 245 -9.74 11.30 10.61
C ALA B 245 -10.49 12.62 10.44
N THR B 246 -9.84 13.61 9.82
CA THR B 246 -10.39 14.96 9.69
C THR B 246 -10.67 15.27 8.22
N VAL B 247 -11.94 15.32 7.88
CA VAL B 247 -12.37 15.66 6.51
C VAL B 247 -13.46 16.72 6.59
N PRO B 248 -13.40 17.78 5.79
CA PRO B 248 -14.52 18.73 5.73
C PRO B 248 -15.84 18.00 5.62
N LYS B 249 -16.77 18.30 6.53
CA LYS B 249 -18.04 17.59 6.57
C LYS B 249 -18.72 17.65 5.21
N HIS B 250 -18.44 18.70 4.42
CA HIS B 250 -19.13 18.84 3.14
C HIS B 250 -18.57 17.83 2.16
N MET B 251 -17.27 17.61 2.21
CA MET B 251 -16.67 16.59 1.37
C MET B 251 -17.27 15.21 1.65
N LEU B 252 -17.44 14.85 2.92
CA LEU B 252 -17.88 13.49 3.25
C LEU B 252 -19.25 13.24 2.64
N ASP B 253 -20.16 14.14 2.88
CA ASP B 253 -21.49 13.94 2.32
C ASP B 253 -21.44 13.89 0.80
N LYS B 254 -20.66 14.76 0.17
CA LYS B 254 -20.65 14.70 -1.28
C LYS B 254 -19.98 13.40 -1.75
N LEU B 255 -18.95 12.93 -1.04
CA LEU B 255 -18.32 11.67 -1.43
C LEU B 255 -19.33 10.52 -1.39
N ASP B 256 -20.14 10.46 -0.36
CA ASP B 256 -21.14 9.39 -0.30
C ASP B 256 -22.01 9.38 -1.56
N GLU B 257 -22.40 10.57 -2.04
CA GLU B 257 -23.23 10.62 -3.26
C GLU B 257 -22.43 10.17 -4.50
N ILE B 258 -21.18 10.62 -4.60
CA ILE B 258 -20.34 10.27 -5.75
C ILE B 258 -20.21 8.77 -5.88
N LEU B 259 -19.77 8.14 -4.81
CA LEU B 259 -19.54 6.69 -4.83
C LEU B 259 -20.84 5.97 -5.04
N TYR B 260 -21.94 6.47 -4.44
CA TYR B 260 -23.23 5.82 -4.64
C TYR B 260 -23.51 5.61 -6.12
N TYR B 261 -23.40 6.69 -6.90
CA TYR B 261 -23.73 6.57 -8.32
C TYR B 261 -22.72 5.74 -9.10
N GLN B 262 -21.45 5.76 -8.70
CA GLN B 262 -20.43 4.97 -9.39
C GLN B 262 -20.72 3.49 -9.22
N ILE B 263 -21.03 3.07 -7.99
CA ILE B 263 -21.44 1.69 -7.76
C ILE B 263 -22.74 1.41 -8.47
N LYS B 264 -23.69 2.36 -8.44
CA LYS B 264 -24.97 2.09 -9.09
C LYS B 264 -24.75 1.76 -10.56
N THR B 265 -23.90 2.52 -11.21
CA THR B 265 -23.71 2.50 -12.66
C THR B 265 -22.86 1.33 -13.10
N LEU B 266 -21.98 0.83 -12.24
CA LEU B 266 -21.08 -0.26 -12.58
C LEU B 266 -21.85 -1.46 -13.16
N PRO B 267 -21.32 -2.09 -14.21
CA PRO B 267 -21.89 -3.37 -14.67
C PRO B 267 -21.78 -4.42 -13.57
N GLU B 268 -22.89 -5.13 -13.32
CA GLU B 268 -22.87 -6.15 -12.28
C GLU B 268 -21.76 -7.17 -12.54
N GLN B 269 -21.56 -7.51 -13.80
CA GLN B 269 -20.62 -8.56 -14.16
C GLN B 269 -19.16 -8.10 -14.14
N TYR B 270 -18.90 -6.80 -13.94
CA TYR B 270 -17.53 -6.27 -13.98
C TYR B 270 -16.91 -6.08 -12.60
N SER B 271 -17.64 -6.40 -11.53
CA SER B 271 -17.24 -6.02 -10.18
C SER B 271 -16.03 -6.78 -9.67
N ASP B 272 -15.56 -7.80 -10.39
CA ASP B 272 -14.48 -8.63 -9.89
C ASP B 272 -13.11 -8.04 -10.16
N ILE B 273 -12.94 -7.32 -11.26
CA ILE B 273 -11.65 -6.72 -11.61
C ILE B 273 -11.56 -5.27 -11.14
N LEU B 274 -12.66 -4.51 -11.28
CA LEU B 274 -12.63 -3.07 -11.08
C LEU B 274 -12.82 -2.66 -9.62
N LEU B 275 -13.22 -3.55 -8.72
CA LEU B 275 -13.43 -3.19 -7.32
C LEU B 275 -12.35 -3.86 -6.47
N ASN B 276 -11.75 -3.08 -5.56
CA ASN B 276 -10.66 -3.57 -4.72
C ASN B 276 -11.24 -3.97 -3.37
N GLU B 277 -11.28 -5.29 -3.13
CA GLU B 277 -11.73 -5.82 -1.86
C GLU B 277 -11.13 -5.04 -0.70
N ARG B 278 -9.80 -4.90 -0.66
CA ARG B 278 -9.18 -4.33 0.53
C ARG B 278 -9.68 -2.91 0.77
N VAL B 279 -9.69 -2.11 -0.29
CA VAL B 279 -9.95 -0.70 -0.09
C VAL B 279 -11.37 -0.49 0.45
N TRP B 280 -12.34 -1.24 -0.07
CA TRP B 280 -13.73 -0.98 0.28
C TRP B 280 -14.08 -1.53 1.65
N ASN B 281 -13.63 -2.76 1.97
CA ASN B 281 -13.87 -3.29 3.32
C ASN B 281 -13.20 -2.42 4.37
N ILE B 282 -12.12 -1.75 3.99
CA ILE B 282 -11.46 -0.82 4.90
C ILE B 282 -12.23 0.50 4.98
N CYS B 283 -12.65 1.04 3.82
CA CYS B 283 -13.40 2.29 3.83
C CYS B 283 -14.77 2.15 4.47
N LEU B 284 -15.39 1.00 4.34
CA LEU B 284 -16.76 0.85 4.82
C LEU B 284 -16.83 0.32 6.24
N TYR B 285 -15.80 -0.39 6.71
CA TYR B 285 -15.91 -1.11 7.97
C TYR B 285 -14.79 -0.88 8.97
N SER B 286 -13.63 -0.40 8.55
CA SER B 286 -12.51 -0.23 9.48
C SER B 286 -12.06 1.22 9.67
N SER B 287 -12.23 2.07 8.67
CA SER B 287 -11.59 3.37 8.63
C SER B 287 -12.37 4.40 9.44
N PHE B 288 -11.78 5.60 9.53
CA PHE B 288 -12.37 6.71 10.24
C PHE B 288 -13.77 7.02 9.73
N GLN B 289 -14.02 6.85 8.43
CA GLN B 289 -15.26 7.31 7.83
C GLN B 289 -16.27 6.18 7.60
N LYS B 290 -16.06 5.03 8.24
CA LYS B 290 -16.93 3.88 8.10
C LYS B 290 -18.39 4.22 8.37
N ASN B 291 -18.64 5.23 9.19
CA ASN B 291 -20.01 5.63 9.51
C ASN B 291 -20.47 6.81 8.68
N SER B 292 -19.64 7.30 7.76
CA SER B 292 -19.96 8.52 7.01
C SER B 292 -20.38 8.24 5.58
N LEU B 293 -20.59 6.97 5.20
CA LEU B 293 -20.93 6.59 3.80
C LEU B 293 -22.15 5.68 3.82
N HIS B 294 -23.26 6.25 4.26
CA HIS B 294 -24.47 5.48 4.47
C HIS B 294 -25.06 4.98 3.16
N ASN B 295 -25.22 5.86 2.18
CA ASN B 295 -25.81 5.43 0.93
C ASN B 295 -24.86 4.47 0.22
N THR B 296 -23.58 4.81 0.16
CA THR B 296 -22.64 3.92 -0.48
C THR B 296 -22.60 2.57 0.21
N GLU B 297 -22.55 2.56 1.55
CA GLU B 297 -22.56 1.29 2.28
C GLU B 297 -23.83 0.47 1.98
N LYS B 298 -24.99 1.13 1.97
CA LYS B 298 -26.24 0.40 1.77
C LYS B 298 -26.31 -0.22 0.38
N ILE B 299 -25.89 0.52 -0.64
CA ILE B 299 -26.01 -0.06 -1.96
C ILE B 299 -24.93 -1.09 -2.23
N MET B 300 -23.80 -1.07 -1.52
CA MET B 300 -22.80 -2.12 -1.74
C MET B 300 -23.27 -3.46 -1.17
N GLU B 301 -23.98 -3.43 -0.04
CA GLU B 301 -24.42 -4.66 0.62
C GLU B 301 -25.62 -5.32 -0.05
N ASN B 302 -26.52 -4.55 -0.67
CA ASN B 302 -27.64 -5.15 -1.38
C ASN B 302 -27.20 -5.73 -2.72
N LYS B 303 -26.13 -5.21 -3.29
CA LYS B 303 -25.70 -5.52 -4.64
C LYS B 303 -24.48 -6.43 -4.68
N TYR B 304 -23.48 -6.17 -3.86
CA TYR B 304 -22.24 -6.92 -3.96
C TYR B 304 -21.78 -7.50 -2.62
N PRO B 305 -22.69 -8.02 -1.78
CA PRO B 305 -22.24 -8.56 -0.48
C PRO B 305 -21.22 -9.68 -0.62
N GLU B 306 -21.05 -10.24 -1.81
CA GLU B 306 -20.05 -11.28 -2.00
C GLU B 306 -18.66 -10.76 -1.65
N LEU B 307 -18.31 -9.60 -2.21
CA LEU B 307 -16.96 -9.06 -2.05
C LEU B 307 -16.58 -8.83 -0.59
N LEU B 308 -17.55 -8.75 0.32
CA LEU B 308 -17.28 -8.33 1.70
C LEU B 308 -17.42 -9.48 2.71
C7 W4C C . -19.29 14.48 -43.52
C8 W4C C . -19.39 14.88 -42.11
C9 W4C C . -18.70 15.95 -41.66
O1 W4C C . -17.24 17.92 -45.29
C1 W4C C . -14.60 17.66 -45.62
C5 W4C C . -17.71 16.18 -43.87
C6 W4C C . -18.43 15.16 -44.36
C4 W4C C . -16.79 17.00 -44.69
C3 W4C C . -13.20 15.83 -44.36
C2 W4C C . -14.75 15.55 -44.31
CL1 W4C C . -20.16 13.91 -40.91
C10 W4C C . -17.86 16.55 -42.56
CL W4C C . -16.82 17.76 -42.10
N W4C C . -15.43 16.74 -44.84
C W4C C . -13.99 16.99 -46.85
O W4C C . -12.54 15.23 -45.40
C7 W4C D . -28.04 5.69 -26.92
C8 W4C D . -28.29 6.25 -28.11
C9 W4C D . -29.08 5.64 -29.08
O1 W4C D . -29.35 1.61 -28.11
C1 W4C D . -31.44 3.07 -25.55
C5 W4C D . -29.33 3.83 -27.58
C6 W4C D . -28.58 4.48 -26.64
C4 W4C D . -29.77 2.47 -27.35
C3 W4C D . -29.24 0.41 -25.52
C2 W4C D . -30.70 0.72 -26.02
CL1 W4C D . -27.58 7.70 -28.41
C10 W4C D . -29.58 4.38 -28.77
CL W4C D . -30.46 3.42 -29.86
N W4C D . -30.66 2.14 -26.36
C W4C D . -31.14 2.94 -24.08
O W4C D . -28.88 -0.95 -25.52
#